data_5DJ2
#
_entry.id   5DJ2
#
_cell.length_a   60.394
_cell.length_b   67.242
_cell.length_c   78.766
_cell.angle_alpha   90.00
_cell.angle_beta   104.89
_cell.angle_gamma   90.00
#
_symmetry.space_group_name_H-M   'P 1 21 1'
#
loop_
_entity.id
_entity.type
_entity.pdbx_description
1 polymer 'Ig gamma-1 chain C region'
2 polymer 'Ig gamma-1 chain C region'
3 polymer 'Fc-III peptide'
4 branched beta-D-galactopyranose-(1-4)-2-acetamido-2-deoxy-beta-D-glucopyranose-(1-2)-alpha-D-mannopyranose-(1-6)-[alpha-D-mannopyranose-(1-3)]beta-D-mannopyranose-(1-4)-2-acetamido-2-deoxy-beta-D-glucopyranose-(1-4)-[alpha-L-fucopyranose-(1-6)]2-acetamido-2-deoxy-beta-D-glucopyranose
5 water water
#
loop_
_entity_poly.entity_id
_entity_poly.type
_entity_poly.pdbx_seq_one_letter_code
_entity_poly.pdbx_strand_id
1 'polypeptide(L)'
;DKTHTCPPCPAPELLGGPSVFLFPPKPKDTLMISRTPEVTCVVVDVSHEDPEVKFNWYVDGVEVHNAKTKPREEQYNSTY
RVVSVLTVLHQDWLNGKEYKCKVSNKALPAPIEKTISKAKGQPREPQVYTLPPSREEMTKNQVSLTCLVKGFYPSDIAVE
WESNGQPENNYKTTPPVLDSDGSFFLASKLTVDKSRWQQGNVFSCSVMHEALHNHYTQKSLSLSPGK
;
A
2 'polypeptide(L)'
;HHHHHHHHSGSGSDKTHTCPPCPAPELLGGPSVFLFPPKPKDTLEASRTPEVTCVVVDVSHEDPEVKFNWYVDGVEVHNA
KTKPREEQYNSTYRVVSVLTVLHQDWLNGKEYKCKVSNKALPAPIEKTISKAKGQPREPQVYTLPPSREEMTKNQVSLVC
LVKGFYPSDIAVEWESNGQPENNYKTTPPVLDSDGSFFLYSVLTVDKSRWQQGNVFSCSVMHEALHNAYTQKSLSLSPGK
;
B
3 'polypeptide(L)' DCAWHLGELVWCT C
#
loop_
_chem_comp.id
_chem_comp.type
_chem_comp.name
_chem_comp.formula
BMA D-saccharide, beta linking beta-D-mannopyranose 'C6 H12 O6'
FUC L-saccharide, alpha linking alpha-L-fucopyranose 'C6 H12 O5'
GAL D-saccharide, beta linking beta-D-galactopyranose 'C6 H12 O6'
MAN D-saccharide, alpha linking alpha-D-mannopyranose 'C6 H12 O6'
NAG D-saccharide, beta linking 2-acetamido-2-deoxy-beta-D-glucopyranose 'C8 H15 N O6'
#
# COMPACT_ATOMS: atom_id res chain seq x y z
N GLY A 17 -20.08 22.80 -10.02
CA GLY A 17 -20.41 23.25 -8.63
C GLY A 17 -19.42 22.76 -7.59
N PRO A 18 -19.60 23.20 -6.32
CA PRO A 18 -18.74 22.82 -5.20
C PRO A 18 -18.78 21.32 -4.92
N SER A 19 -17.66 20.75 -4.46
CA SER A 19 -17.58 19.34 -4.04
C SER A 19 -16.98 19.19 -2.65
N VAL A 20 -17.36 18.11 -1.95
CA VAL A 20 -17.03 17.90 -0.53
C VAL A 20 -16.14 16.67 -0.31
N PHE A 21 -15.18 16.77 0.60
CA PHE A 21 -14.33 15.63 1.00
C PHE A 21 -14.15 15.62 2.51
N LEU A 22 -14.38 14.47 3.11
CA LEU A 22 -14.40 14.34 4.55
C LEU A 22 -13.36 13.32 5.06
N PHE A 23 -12.42 13.80 5.87
CA PHE A 23 -11.25 13.01 6.28
C PHE A 23 -11.22 12.68 7.78
N PRO A 24 -10.79 11.46 8.13
CA PRO A 24 -10.72 10.99 9.53
C PRO A 24 -9.58 11.66 10.29
N PRO A 25 -9.50 11.46 11.61
CA PRO A 25 -8.31 11.92 12.33
C PRO A 25 -7.11 11.03 12.03
N LYS A 26 -5.91 11.53 12.32
CA LYS A 26 -4.71 10.71 12.23
C LYS A 26 -4.78 9.66 13.31
N PRO A 27 -4.43 8.40 12.97
CA PRO A 27 -4.36 7.34 13.98
C PRO A 27 -3.74 7.82 15.30
N LYS A 28 -2.51 8.36 15.23
CA LYS A 28 -1.79 8.83 16.41
C LYS A 28 -2.62 9.72 17.34
N ASP A 29 -3.33 10.67 16.73
CA ASP A 29 -4.13 11.64 17.48
C ASP A 29 -5.28 11.00 18.27
N THR A 30 -5.85 9.93 17.72
CA THR A 30 -6.95 9.20 18.39
C THR A 30 -6.39 8.29 19.48
N LEU A 31 -5.13 7.90 19.33
CA LEU A 31 -4.51 6.93 20.24
C LEU A 31 -3.76 7.57 21.41
N MET A 32 -3.22 8.77 21.20
CA MET A 32 -2.49 9.49 22.25
C MET A 32 -3.37 10.51 22.96
N ILE A 33 -3.65 10.25 24.24
CA ILE A 33 -4.47 11.11 25.08
C ILE A 33 -3.96 12.56 25.15
N SER A 34 -2.69 12.75 24.83
CA SER A 34 -2.08 14.08 24.86
C SER A 34 -2.13 14.79 23.52
N ARG A 35 -2.81 14.18 22.55
CA ARG A 35 -3.02 14.81 21.24
C ARG A 35 -4.50 15.10 20.99
N THR A 36 -4.80 15.93 20.01
CA THR A 36 -6.19 16.35 19.77
C THR A 36 -6.72 15.90 18.40
N PRO A 37 -7.59 14.88 18.40
CA PRO A 37 -8.13 14.34 17.15
C PRO A 37 -9.25 15.23 16.61
N GLU A 38 -9.32 15.35 15.29
CA GLU A 38 -10.32 16.20 14.64
C GLU A 38 -10.74 15.59 13.29
N VAL A 39 -12.00 15.76 12.91
CA VAL A 39 -12.43 15.38 11.57
C VAL A 39 -12.52 16.64 10.71
N THR A 40 -12.39 16.50 9.40
CA THR A 40 -12.21 17.66 8.54
C THR A 40 -13.07 17.58 7.31
N CYS A 41 -13.98 18.54 7.18
CA CYS A 41 -14.86 18.62 6.03
C CYS A 41 -14.30 19.68 5.10
N VAL A 42 -13.84 19.25 3.93
CA VAL A 42 -13.20 20.14 2.97
C VAL A 42 -14.13 20.34 1.77
N VAL A 43 -14.42 21.58 1.44
CA VAL A 43 -15.28 21.92 0.33
C VAL A 43 -14.44 22.64 -0.72
N VAL A 44 -14.28 22.01 -1.88
CA VAL A 44 -13.51 22.59 -2.99
C VAL A 44 -14.45 23.19 -4.04
N ASP A 45 -13.88 23.86 -5.04
CA ASP A 45 -14.65 24.48 -6.12
C ASP A 45 -15.73 25.44 -5.65
N VAL A 46 -15.41 26.25 -4.65
CA VAL A 46 -16.34 27.26 -4.17
C VAL A 46 -16.18 28.51 -5.05
N SER A 47 -17.28 28.93 -5.66
CA SER A 47 -17.29 30.04 -6.63
C SER A 47 -17.06 31.41 -5.97
N HIS A 48 -16.46 32.33 -6.73
CA HIS A 48 -16.33 33.73 -6.28
C HIS A 48 -17.65 34.42 -6.07
N GLU A 49 -18.63 34.10 -6.92
CA GLU A 49 -19.98 34.70 -6.87
C GLU A 49 -20.76 34.34 -5.61
N ASP A 50 -20.62 33.10 -5.15
CA ASP A 50 -21.30 32.61 -3.96
C ASP A 50 -20.35 31.83 -3.07
N PRO A 51 -19.52 32.55 -2.29
CA PRO A 51 -18.52 31.89 -1.47
C PRO A 51 -19.05 31.43 -0.12
N GLU A 52 -20.25 31.89 0.24
CA GLU A 52 -20.79 31.58 1.56
C GLU A 52 -21.19 30.11 1.60
N VAL A 53 -20.62 29.41 2.59
CA VAL A 53 -20.91 28.00 2.81
C VAL A 53 -21.42 27.82 4.24
N LYS A 54 -22.52 27.07 4.38
CA LYS A 54 -23.07 26.72 5.69
C LYS A 54 -22.72 25.26 6.04
N PHE A 55 -22.16 25.03 7.23
CA PHE A 55 -21.87 23.67 7.69
C PHE A 55 -22.82 23.22 8.81
N ASN A 56 -23.40 22.05 8.66
CA ASN A 56 -24.06 21.37 9.78
C ASN A 56 -23.29 20.10 10.13
N TRP A 57 -23.16 19.82 11.42
CA TRP A 57 -22.48 18.62 11.88
C TRP A 57 -23.34 17.71 12.71
N TYR A 58 -23.14 16.40 12.53
CA TYR A 58 -23.91 15.44 13.31
C TYR A 58 -23.03 14.33 13.87
N VAL A 59 -23.26 13.96 15.12
CA VAL A 59 -22.58 12.82 15.72
C VAL A 59 -23.65 11.77 16.06
N ASP A 60 -23.70 10.71 15.25
CA ASP A 60 -24.75 9.69 15.32
C ASP A 60 -26.16 10.29 15.19
N GLY A 61 -26.34 11.18 14.22
CA GLY A 61 -27.65 11.78 13.96
C GLY A 61 -27.89 13.06 14.75
N VAL A 62 -27.27 13.17 15.91
CA VAL A 62 -27.44 14.33 16.79
C VAL A 62 -26.49 15.45 16.36
N GLU A 63 -27.06 16.64 16.07
CA GLU A 63 -26.29 17.83 15.71
C GLU A 63 -25.35 18.30 16.83
N VAL A 64 -24.12 18.67 16.46
CA VAL A 64 -23.18 19.37 17.37
C VAL A 64 -22.86 20.76 16.83
N HIS A 65 -22.25 21.59 17.69
CA HIS A 65 -22.09 23.02 17.38
C HIS A 65 -20.70 23.59 17.59
N ASN A 66 -19.75 22.73 17.95
CA ASN A 66 -18.40 23.16 18.30
C ASN A 66 -17.40 23.08 17.14
N ALA A 67 -17.91 23.03 15.92
CA ALA A 67 -17.05 23.02 14.76
C ALA A 67 -16.53 24.43 14.56
N LYS A 68 -15.31 24.54 14.02
CA LYS A 68 -14.72 25.84 13.69
C LYS A 68 -14.27 25.84 12.24
N THR A 69 -14.48 26.97 11.57
CA THR A 69 -14.07 27.13 10.18
C THR A 69 -12.68 27.72 10.07
N LYS A 70 -11.80 27.00 9.39
CA LYS A 70 -10.46 27.48 9.05
C LYS A 70 -10.51 28.66 8.07
N PRO A 71 -9.49 29.55 8.07
CA PRO A 71 -9.52 30.70 7.14
C PRO A 71 -9.72 30.28 5.70
N ARG A 72 -10.53 31.02 4.95
CA ARG A 72 -10.75 30.77 3.52
C ARG A 72 -9.44 30.90 2.72
N GLU A 73 -9.25 30.00 1.76
CA GLU A 73 -8.03 29.95 0.95
C GLU A 73 -8.38 30.04 -0.52
N GLU A 74 -7.86 31.07 -1.18
CA GLU A 74 -8.02 31.27 -2.62
C GLU A 74 -7.07 30.34 -3.36
N GLN A 75 -7.59 29.64 -4.37
CA GLN A 75 -6.79 28.66 -5.14
C GLN A 75 -6.35 29.21 -6.50
N TYR A 76 -5.20 28.76 -6.98
CA TYR A 76 -4.67 29.21 -8.26
C TYR A 76 -5.63 29.07 -9.45
N ASN A 77 -6.71 28.29 -9.29
CA ASN A 77 -7.66 28.06 -10.39
C ASN A 77 -9.00 28.80 -10.26
N SER A 78 -8.98 29.95 -9.61
CA SER A 78 -10.14 30.87 -9.50
C SER A 78 -11.28 30.39 -8.57
N THR A 79 -11.01 29.40 -7.73
CA THR A 79 -12.00 28.95 -6.77
C THR A 79 -11.48 29.09 -5.33
N TYR A 80 -12.42 29.11 -4.38
CA TYR A 80 -12.06 29.07 -2.96
C TYR A 80 -12.08 27.64 -2.42
N ARG A 81 -11.26 27.40 -1.39
CA ARG A 81 -11.30 26.17 -0.62
C ARG A 81 -11.75 26.58 0.80
N VAL A 82 -12.85 26.00 1.27
CA VAL A 82 -13.41 26.27 2.59
C VAL A 82 -13.40 24.97 3.40
N VAL A 83 -12.93 25.06 4.63
CA VAL A 83 -12.70 23.88 5.46
C VAL A 83 -13.25 24.10 6.85
N SER A 84 -14.11 23.18 7.29
CA SER A 84 -14.65 23.15 8.63
C SER A 84 -14.03 21.98 9.44
N VAL A 85 -13.59 22.26 10.67
CA VAL A 85 -12.92 21.24 11.51
C VAL A 85 -13.72 20.93 12.77
N LEU A 86 -14.06 19.66 12.98
CA LEU A 86 -14.73 19.26 14.22
C LEU A 86 -13.81 18.45 15.12
N THR A 87 -13.49 19.01 16.28
CA THR A 87 -12.77 18.26 17.30
C THR A 87 -13.67 17.15 17.83
N VAL A 88 -13.09 15.98 18.07
CA VAL A 88 -13.83 14.84 18.59
C VAL A 88 -13.12 14.30 19.82
N LEU A 89 -13.87 13.55 20.64
CA LEU A 89 -13.28 12.84 21.75
C LEU A 89 -12.61 11.57 21.22
N HIS A 90 -11.56 11.14 21.91
CA HIS A 90 -10.85 9.93 21.56
C HIS A 90 -11.77 8.74 21.55
N GLN A 91 -12.48 8.55 22.65
CA GLN A 91 -13.29 7.35 22.83
C GLN A 91 -14.53 7.28 21.95
N ASP A 92 -15.10 8.42 21.57
CA ASP A 92 -16.17 8.45 20.57
C ASP A 92 -15.69 7.84 19.27
N TRP A 93 -14.51 8.28 18.81
CA TRP A 93 -13.94 7.74 17.59
C TRP A 93 -13.64 6.27 17.74
N LEU A 94 -12.93 5.91 18.81
CA LEU A 94 -12.59 4.52 19.04
C LEU A 94 -13.80 3.62 19.32
N ASN A 95 -14.88 4.20 19.84
CA ASN A 95 -16.13 3.46 20.02
C ASN A 95 -16.96 3.38 18.74
N GLY A 96 -16.54 4.12 17.71
CA GLY A 96 -17.09 3.95 16.38
C GLY A 96 -18.23 4.85 15.99
N LYS A 97 -18.38 5.97 16.69
CA LYS A 97 -19.42 6.96 16.40
C LYS A 97 -19.33 7.49 14.97
N GLU A 98 -20.45 7.92 14.41
CA GLU A 98 -20.45 8.35 13.03
C GLU A 98 -20.58 9.86 12.90
N TYR A 99 -19.75 10.43 12.02
CA TYR A 99 -19.64 11.88 11.87
C TYR A 99 -20.11 12.32 10.51
N LYS A 100 -21.15 13.15 10.50
CA LYS A 100 -21.75 13.62 9.28
C LYS A 100 -21.52 15.12 9.14
N CYS A 101 -21.05 15.52 7.97
CA CYS A 101 -20.92 16.91 7.62
C CYS A 101 -21.93 17.20 6.51
N LYS A 102 -22.77 18.20 6.70
CA LYS A 102 -23.72 18.62 5.67
C LYS A 102 -23.36 20.01 5.16
N VAL A 103 -23.19 20.12 3.86
CA VAL A 103 -22.72 21.34 3.20
C VAL A 103 -23.80 21.98 2.30
N SER A 104 -24.12 23.25 2.57
CA SER A 104 -25.09 24.01 1.78
C SER A 104 -24.43 25.24 1.16
N ASN A 105 -24.76 25.50 -0.12
CA ASN A 105 -24.23 26.62 -0.88
C ASN A 105 -25.18 26.97 -2.01
N LYS A 106 -25.32 28.27 -2.32
CA LYS A 106 -26.28 28.72 -3.32
C LYS A 106 -26.14 28.02 -4.69
N ALA A 107 -24.90 27.83 -5.14
CA ALA A 107 -24.62 27.13 -6.41
C ALA A 107 -24.70 25.59 -6.29
N LEU A 108 -25.74 25.10 -5.63
CA LEU A 108 -25.86 23.69 -5.29
C LEU A 108 -27.34 23.33 -5.18
N PRO A 109 -27.90 22.63 -6.20
CA PRO A 109 -29.32 22.31 -6.24
C PRO A 109 -29.83 21.78 -4.91
N ALA A 110 -28.99 21.01 -4.22
CA ALA A 110 -29.32 20.41 -2.93
C ALA A 110 -28.07 20.25 -2.04
N PRO A 111 -28.23 20.29 -0.71
CA PRO A 111 -27.09 20.09 0.19
C PRO A 111 -26.39 18.74 -0.01
N ILE A 112 -25.08 18.72 0.19
CA ILE A 112 -24.29 17.49 0.08
C ILE A 112 -23.99 16.94 1.47
N GLU A 113 -24.22 15.65 1.66
CA GLU A 113 -23.90 14.99 2.91
C GLU A 113 -22.81 13.95 2.74
N LYS A 114 -21.95 13.83 3.75
CA LYS A 114 -20.88 12.83 3.76
C LYS A 114 -20.70 12.33 5.18
N THR A 115 -20.48 11.03 5.33
CA THR A 115 -20.37 10.40 6.64
C THR A 115 -19.10 9.57 6.67
N ILE A 116 -18.39 9.62 7.78
CA ILE A 116 -17.25 8.75 7.97
C ILE A 116 -17.20 8.28 9.41
N SER A 117 -16.48 7.18 9.64
CA SER A 117 -16.29 6.62 10.97
C SER A 117 -15.16 5.61 10.94
N LYS A 118 -14.76 5.14 12.11
CA LYS A 118 -13.81 4.04 12.21
C LYS A 118 -14.31 2.84 11.36
N ALA A 119 -13.39 1.97 10.92
CA ALA A 119 -13.78 0.74 10.23
C ALA A 119 -14.58 -0.11 11.18
N LYS A 120 -15.68 -0.67 10.68
CA LYS A 120 -16.56 -1.50 11.51
C LYS A 120 -15.94 -2.87 11.76
N GLY A 121 -16.14 -3.39 12.96
CA GLY A 121 -15.61 -4.69 13.29
C GLY A 121 -14.87 -4.76 14.61
N GLN A 122 -14.92 -5.92 15.23
CA GLN A 122 -14.24 -6.13 16.47
C GLN A 122 -12.73 -5.86 16.33
N PRO A 123 -12.16 -5.09 17.26
CA PRO A 123 -10.73 -4.82 17.22
C PRO A 123 -9.90 -6.01 17.72
N ARG A 124 -8.82 -6.32 17.02
CA ARG A 124 -7.89 -7.38 17.44
C ARG A 124 -6.50 -6.83 17.71
N GLU A 125 -5.87 -7.38 18.75
CA GLU A 125 -4.57 -6.93 19.23
C GLU A 125 -3.45 -7.32 18.27
N PRO A 126 -2.60 -6.34 17.90
CA PRO A 126 -1.46 -6.66 17.04
C PRO A 126 -0.42 -7.49 17.79
N GLN A 127 0.14 -8.46 17.09
CA GLN A 127 1.24 -9.22 17.61
C GLN A 127 2.48 -8.62 16.99
N VAL A 128 3.46 -8.28 17.83
CA VAL A 128 4.61 -7.50 17.43
C VAL A 128 5.87 -8.30 17.67
N TYR A 129 6.62 -8.58 16.59
CA TYR A 129 7.77 -9.47 16.65
C TYR A 129 8.97 -8.84 15.97
N THR A 130 10.07 -8.70 16.70
CA THR A 130 11.29 -8.15 16.10
C THR A 130 12.22 -9.26 15.62
N LEU A 131 12.86 -9.02 14.48
CA LEU A 131 13.64 -10.03 13.81
C LEU A 131 14.99 -9.47 13.40
N PRO A 132 16.09 -10.08 13.89
CA PRO A 132 17.44 -9.63 13.57
C PRO A 132 17.75 -9.80 12.07
N PRO A 133 18.88 -9.23 11.60
CA PRO A 133 19.29 -9.46 10.23
C PRO A 133 19.68 -10.90 9.94
N SER A 134 19.46 -11.34 8.71
CA SER A 134 19.98 -12.59 8.22
C SER A 134 21.51 -12.63 8.34
N ARG A 135 22.04 -13.79 8.74
CA ARG A 135 23.48 -14.05 8.70
C ARG A 135 24.09 -13.67 7.34
N GLU A 136 23.26 -13.70 6.30
CA GLU A 136 23.67 -13.41 4.92
C GLU A 136 23.83 -11.91 4.68
N GLU A 137 23.17 -11.09 5.49
CA GLU A 137 23.29 -9.63 5.34
C GLU A 137 24.57 -9.09 5.99
N MET A 138 25.17 -9.89 6.85
CA MET A 138 26.31 -9.49 7.65
C MET A 138 27.57 -9.11 6.84
N THR A 139 27.63 -9.57 5.60
CA THR A 139 28.66 -9.13 4.66
C THR A 139 28.52 -7.64 4.31
N LYS A 140 27.29 -7.16 4.22
CA LYS A 140 26.99 -5.82 3.70
C LYS A 140 27.36 -4.66 4.67
N ASN A 141 27.40 -3.44 4.14
CA ASN A 141 27.66 -2.23 4.92
C ASN A 141 26.54 -1.90 5.89
N GLN A 142 25.33 -2.25 5.53
CA GLN A 142 24.18 -1.85 6.30
C GLN A 142 23.29 -3.05 6.51
N VAL A 143 22.54 -3.04 7.60
CA VAL A 143 21.70 -4.20 7.96
C VAL A 143 20.25 -3.84 8.21
N SER A 144 19.38 -4.82 8.03
CA SER A 144 17.94 -4.64 8.11
C SER A 144 17.39 -5.20 9.42
N LEU A 145 16.73 -4.36 10.20
CA LEU A 145 16.05 -4.81 11.39
C LEU A 145 14.57 -4.79 11.09
N THR A 146 13.89 -5.92 11.30
CA THR A 146 12.50 -6.06 10.90
C THR A 146 11.55 -6.09 12.08
N CYS A 147 10.49 -5.29 11.98
CA CYS A 147 9.39 -5.37 12.91
C CYS A 147 8.17 -5.91 12.17
N LEU A 148 7.80 -7.15 12.47
CA LEU A 148 6.59 -7.73 11.92
C LEU A 148 5.42 -7.48 12.86
N VAL A 149 4.38 -6.84 12.33
CA VAL A 149 3.18 -6.55 13.09
C VAL A 149 2.03 -7.25 12.42
N LYS A 150 1.52 -8.32 13.04
CA LYS A 150 0.43 -9.08 12.43
C LYS A 150 -0.75 -9.31 13.37
N GLY A 151 -1.93 -9.52 12.79
CA GLY A 151 -3.14 -9.89 13.54
C GLY A 151 -3.89 -8.73 14.15
N PHE A 152 -3.76 -7.56 13.55
CA PHE A 152 -4.47 -6.37 14.06
C PHE A 152 -5.66 -5.96 13.20
N TYR A 153 -6.70 -5.50 13.88
CA TYR A 153 -7.86 -4.91 13.25
C TYR A 153 -8.35 -3.80 14.18
N PRO A 154 -8.79 -2.65 13.61
CA PRO A 154 -8.78 -2.22 12.22
C PRO A 154 -7.37 -1.84 11.77
N SER A 155 -7.22 -1.34 10.55
CA SER A 155 -5.87 -1.09 10.01
C SER A 155 -5.22 0.22 10.49
N ASP A 156 -5.86 0.92 11.42
CA ASP A 156 -5.37 2.19 11.95
C ASP A 156 -4.24 1.96 12.98
N ILE A 157 -3.03 2.43 12.64
CA ILE A 157 -1.84 2.09 13.41
C ILE A 157 -0.69 3.11 13.22
N ALA A 158 0.27 3.08 14.14
CA ALA A 158 1.50 3.87 14.01
C ALA A 158 2.70 3.01 14.43
N VAL A 159 3.73 3.03 13.59
CA VAL A 159 4.96 2.28 13.87
C VAL A 159 6.17 3.19 13.75
N GLU A 160 6.94 3.26 14.83
CA GLU A 160 8.15 4.08 14.88
C GLU A 160 9.28 3.33 15.56
N TRP A 161 10.50 3.74 15.25
CA TRP A 161 11.70 3.12 15.76
C TRP A 161 12.48 4.07 16.60
N GLU A 162 13.22 3.52 17.56
CA GLU A 162 14.06 4.34 18.41
C GLU A 162 15.25 3.58 19.01
N SER A 163 16.18 4.34 19.57
CA SER A 163 17.33 3.81 20.29
C SER A 163 17.81 4.80 21.34
N ASN A 164 18.06 4.31 22.55
CA ASN A 164 18.45 5.15 23.69
C ASN A 164 17.55 6.38 23.83
N GLY A 165 16.24 6.20 23.77
CA GLY A 165 15.31 7.32 23.90
C GLY A 165 15.17 8.24 22.69
N GLN A 166 16.05 8.07 21.71
CA GLN A 166 16.05 8.92 20.51
C GLN A 166 15.43 8.23 19.30
N PRO A 167 14.58 8.95 18.56
CA PRO A 167 14.00 8.41 17.32
C PRO A 167 15.05 8.00 16.27
N GLU A 168 14.95 6.78 15.76
CA GLU A 168 15.74 6.37 14.60
C GLU A 168 14.86 6.55 13.37
N ASN A 169 15.29 7.39 12.43
CA ASN A 169 14.42 7.78 11.33
C ASN A 169 14.69 7.11 9.99
N ASN A 170 15.69 6.26 9.93
CA ASN A 170 16.04 5.61 8.67
C ASN A 170 15.23 4.32 8.40
N TYR A 171 13.93 4.36 8.68
CA TYR A 171 13.06 3.20 8.47
C TYR A 171 12.06 3.42 7.35
N LYS A 172 11.42 2.34 6.91
CA LYS A 172 10.27 2.39 6.01
C LYS A 172 9.31 1.29 6.44
N THR A 173 8.02 1.53 6.23
CA THR A 173 6.97 0.60 6.65
C THR A 173 6.01 0.32 5.49
N THR A 174 5.66 -0.95 5.33
CA THR A 174 4.70 -1.34 4.29
C THR A 174 3.33 -0.83 4.68
N PRO A 175 2.44 -0.58 3.68
CA PRO A 175 1.05 -0.29 4.01
C PRO A 175 0.42 -1.56 4.59
N PRO A 176 -0.68 -1.43 5.37
CA PRO A 176 -1.34 -2.64 5.89
C PRO A 176 -1.81 -3.57 4.77
N VAL A 177 -1.57 -4.87 4.94
CA VAL A 177 -2.05 -5.90 4.02
C VAL A 177 -3.17 -6.73 4.69
N LEU A 178 -4.26 -6.98 3.98
CA LEU A 178 -5.39 -7.77 4.50
C LEU A 178 -5.05 -9.25 4.47
N ASP A 179 -5.12 -9.90 5.63
CA ASP A 179 -4.73 -11.29 5.73
C ASP A 179 -5.93 -12.22 5.56
N SER A 180 -5.66 -13.52 5.44
CA SER A 180 -6.72 -14.50 5.17
C SER A 180 -7.69 -14.74 6.35
N ASP A 181 -7.32 -14.29 7.55
CA ASP A 181 -8.22 -14.39 8.73
C ASP A 181 -9.00 -13.10 8.99
N GLY A 182 -8.86 -12.12 8.10
CA GLY A 182 -9.63 -10.88 8.19
C GLY A 182 -8.93 -9.75 8.91
N SER A 183 -7.80 -10.05 9.56
CA SER A 183 -6.96 -9.02 10.17
C SER A 183 -5.95 -8.45 9.16
N PHE A 184 -5.09 -7.55 9.64
CA PHE A 184 -4.05 -6.92 8.83
C PHE A 184 -2.66 -7.22 9.37
N PHE A 185 -1.69 -7.23 8.46
CA PHE A 185 -0.30 -7.29 8.84
C PHE A 185 0.48 -6.25 8.06
N LEU A 186 1.60 -5.82 8.64
CA LEU A 186 2.59 -5.01 7.94
C LEU A 186 3.98 -5.37 8.45
N ALA A 187 4.99 -4.80 7.82
CA ALA A 187 6.36 -4.96 8.28
C ALA A 187 7.02 -3.58 8.24
N SER A 188 7.91 -3.34 9.19
CA SER A 188 8.65 -2.09 9.22
C SER A 188 10.11 -2.46 9.24
N LYS A 189 10.89 -1.87 8.33
CA LYS A 189 12.31 -2.18 8.21
C LYS A 189 13.15 -0.96 8.55
N LEU A 190 14.00 -1.09 9.57
CA LEU A 190 14.98 -0.05 9.91
C LEU A 190 16.38 -0.47 9.44
N THR A 191 17.01 0.40 8.66
CA THR A 191 18.37 0.18 8.12
C THR A 191 19.43 0.95 8.95
N VAL A 192 20.31 0.21 9.61
CA VAL A 192 21.39 0.79 10.40
C VAL A 192 22.77 0.44 9.83
N ASP A 193 23.79 1.22 10.17
CA ASP A 193 25.18 0.84 9.84
C ASP A 193 25.49 -0.42 10.62
N LYS A 194 26.06 -1.42 9.94
CA LYS A 194 26.44 -2.70 10.54
C LYS A 194 27.22 -2.51 11.85
N SER A 195 28.16 -1.55 11.84
CA SER A 195 28.99 -1.23 13.00
C SER A 195 28.18 -0.87 14.26
N ARG A 196 27.06 -0.19 14.07
CA ARG A 196 26.15 0.15 15.17
C ARG A 196 25.42 -1.09 15.71
N TRP A 197 25.13 -2.03 14.81
CA TRP A 197 24.52 -3.28 15.24
C TRP A 197 25.52 -4.08 16.04
N GLN A 198 26.79 -4.10 15.58
CA GLN A 198 27.87 -4.82 16.25
C GLN A 198 28.18 -4.19 17.59
N GLN A 199 27.97 -2.89 17.68
CA GLN A 199 28.35 -2.14 18.87
C GLN A 199 27.42 -2.40 20.06
N GLY A 200 26.53 -3.37 19.93
CA GLY A 200 25.59 -3.74 21.02
C GLY A 200 24.39 -2.84 21.28
N ASN A 201 24.21 -1.80 20.47
CA ASN A 201 23.07 -0.88 20.58
C ASN A 201 21.70 -1.57 20.53
N VAL A 202 20.82 -1.21 21.46
CA VAL A 202 19.45 -1.73 21.48
C VAL A 202 18.51 -0.86 20.64
N PHE A 203 17.74 -1.51 19.77
CA PHE A 203 16.73 -0.82 18.94
C PHE A 203 15.32 -1.26 19.29
N SER A 204 14.38 -0.34 19.16
CA SER A 204 13.03 -0.55 19.64
C SER A 204 12.00 -0.20 18.61
N CYS A 205 10.99 -1.07 18.53
CA CYS A 205 9.88 -0.91 17.62
C CYS A 205 8.71 -0.45 18.45
N SER A 206 8.17 0.72 18.13
CA SER A 206 7.06 1.27 18.87
C SER A 206 5.83 1.10 18.02
N VAL A 207 4.82 0.42 18.57
CA VAL A 207 3.58 0.20 17.86
C VAL A 207 2.44 0.82 18.65
N MET A 208 1.63 1.62 17.97
CA MET A 208 0.44 2.20 18.59
C MET A 208 -0.84 1.74 17.90
N HIS A 209 -1.75 1.17 18.68
CA HIS A 209 -2.98 0.57 18.17
C HIS A 209 -4.04 0.54 19.24
N GLU A 210 -5.29 0.71 18.84
CA GLU A 210 -6.39 0.81 19.80
C GLU A 210 -6.53 -0.41 20.70
N ALA A 211 -6.24 -1.60 20.16
CA ALA A 211 -6.48 -2.86 20.88
C ALA A 211 -5.30 -3.35 21.72
N LEU A 212 -4.24 -2.55 21.79
CA LEU A 212 -3.13 -2.84 22.70
C LEU A 212 -3.44 -2.30 24.09
N HIS A 213 -2.86 -2.93 25.10
CA HIS A 213 -2.85 -2.36 26.44
C HIS A 213 -2.28 -0.96 26.40
N ASN A 214 -3.07 0.00 26.89
CA ASN A 214 -2.70 1.43 26.89
C ASN A 214 -2.28 1.96 25.53
N HIS A 215 -2.80 1.34 24.48
CA HIS A 215 -2.60 1.76 23.08
C HIS A 215 -1.18 1.69 22.57
N TYR A 216 -0.34 0.92 23.24
CA TYR A 216 1.09 1.03 23.04
C TYR A 216 1.82 -0.23 23.45
N THR A 217 2.71 -0.68 22.58
CA THR A 217 3.67 -1.68 22.96
C THR A 217 5.02 -1.37 22.30
N GLN A 218 6.07 -1.97 22.83
CA GLN A 218 7.42 -1.71 22.38
C GLN A 218 8.21 -3.01 22.38
N LYS A 219 8.92 -3.29 21.29
CA LYS A 219 9.72 -4.51 21.24
C LYS A 219 11.15 -4.21 20.86
N SER A 220 12.06 -4.80 21.63
CA SER A 220 13.48 -4.50 21.52
C SER A 220 14.26 -5.60 20.82
N LEU A 221 15.43 -5.22 20.32
CA LEU A 221 16.23 -6.04 19.45
C LEU A 221 17.69 -5.61 19.53
N SER A 222 18.58 -6.56 19.86
CA SER A 222 20.02 -6.28 19.88
C SER A 222 20.85 -7.52 19.54
N LEU A 223 22.13 -7.30 19.18
CA LEU A 223 23.10 -8.39 18.89
C LEU A 223 22.98 -9.49 19.93
N SER A 224 22.85 -10.74 19.49
CA SER A 224 22.48 -11.83 20.40
C SER A 224 23.66 -12.43 21.15
N GLY B 30 -17.21 10.91 -24.82
CA GLY B 30 -16.35 9.95 -25.58
C GLY B 30 -15.83 8.74 -24.80
N PRO B 31 -15.25 7.76 -25.51
CA PRO B 31 -14.52 6.61 -24.96
C PRO B 31 -13.30 7.01 -24.11
N SER B 32 -12.89 6.11 -23.23
CA SER B 32 -11.66 6.28 -22.45
C SER B 32 -10.73 5.11 -22.67
N VAL B 33 -9.42 5.36 -22.57
CA VAL B 33 -8.42 4.34 -22.89
C VAL B 33 -7.48 4.03 -21.72
N PHE B 34 -7.16 2.76 -21.53
CA PHE B 34 -6.19 2.32 -20.54
C PHE B 34 -5.27 1.28 -21.15
N LEU B 35 -3.97 1.45 -20.91
CA LEU B 35 -2.96 0.58 -21.48
C LEU B 35 -2.15 -0.09 -20.37
N PHE B 36 -2.22 -1.41 -20.29
CA PHE B 36 -1.62 -2.17 -19.19
C PHE B 36 -0.37 -2.92 -19.58
N PRO B 37 0.65 -2.91 -18.70
CA PRO B 37 1.91 -3.66 -18.90
C PRO B 37 1.72 -5.17 -18.73
N PRO B 38 2.64 -5.98 -19.28
CA PRO B 38 2.54 -7.42 -19.04
C PRO B 38 2.82 -7.79 -17.59
N LYS B 39 2.42 -8.99 -17.18
CA LYS B 39 2.71 -9.49 -15.85
C LYS B 39 4.20 -9.68 -15.68
N PRO B 40 4.74 -9.31 -14.50
CA PRO B 40 6.15 -9.54 -14.18
C PRO B 40 6.62 -10.96 -14.47
N LYS B 41 5.86 -11.95 -14.02
CA LYS B 41 6.19 -13.36 -14.23
C LYS B 41 6.29 -13.72 -15.72
N ASP B 42 5.35 -13.20 -16.52
CA ASP B 42 5.32 -13.46 -17.96
C ASP B 42 6.55 -12.95 -18.73
N THR B 43 7.14 -11.84 -18.26
CA THR B 43 8.31 -11.25 -18.90
C THR B 43 9.59 -11.97 -18.50
N LEU B 44 9.52 -12.69 -17.39
CA LEU B 44 10.72 -13.23 -16.73
C LEU B 44 10.91 -14.72 -16.94
N GLU B 45 9.85 -15.40 -17.39
CA GLU B 45 9.90 -16.84 -17.66
C GLU B 45 9.80 -17.12 -19.15
N ALA B 46 10.91 -17.61 -19.71
CA ALA B 46 11.04 -18.00 -21.12
C ALA B 46 9.80 -18.71 -21.71
N SER B 47 9.17 -19.57 -20.92
CA SER B 47 8.00 -20.34 -21.38
C SER B 47 6.67 -19.57 -21.50
N ARG B 48 6.47 -18.56 -20.67
CA ARG B 48 5.25 -17.76 -20.69
C ARG B 48 5.27 -16.66 -21.75
N THR B 49 4.10 -16.19 -22.16
CA THR B 49 3.96 -15.20 -23.24
C THR B 49 3.44 -13.83 -22.77
N PRO B 50 4.34 -12.83 -22.66
CA PRO B 50 3.97 -11.51 -22.15
C PRO B 50 3.24 -10.68 -23.19
N GLU B 51 2.31 -9.85 -22.74
CA GLU B 51 1.51 -9.02 -23.63
C GLU B 51 1.16 -7.65 -23.03
N VAL B 52 1.09 -6.65 -23.91
CA VAL B 52 0.62 -5.33 -23.54
C VAL B 52 -0.86 -5.30 -23.94
N THR B 53 -1.70 -4.68 -23.10
CA THR B 53 -3.16 -4.69 -23.29
C THR B 53 -3.74 -3.28 -23.32
N CYS B 54 -4.44 -2.97 -24.40
CA CYS B 54 -5.06 -1.66 -24.58
C CYS B 54 -6.58 -1.77 -24.42
N VAL B 55 -7.12 -1.16 -23.36
CA VAL B 55 -8.55 -1.28 -23.07
C VAL B 55 -9.30 0.02 -23.35
N VAL B 56 -10.38 -0.09 -24.10
CA VAL B 56 -11.25 1.04 -24.34
C VAL B 56 -12.59 0.79 -23.63
N VAL B 57 -12.97 1.72 -22.76
CA VAL B 57 -14.26 1.68 -22.09
C VAL B 57 -15.17 2.80 -22.56
N ASP B 58 -16.45 2.69 -22.25
CA ASP B 58 -17.46 3.69 -22.62
C ASP B 58 -17.62 3.84 -24.13
N VAL B 59 -17.51 2.73 -24.85
CA VAL B 59 -17.80 2.71 -26.29
C VAL B 59 -19.32 2.67 -26.48
N SER B 60 -19.84 3.58 -27.31
CA SER B 60 -21.29 3.71 -27.50
C SER B 60 -21.90 2.62 -28.38
N HIS B 61 -23.20 2.41 -28.24
CA HIS B 61 -23.94 1.46 -29.08
C HIS B 61 -24.11 1.95 -30.50
N GLU B 62 -24.22 3.25 -30.68
CA GLU B 62 -24.41 3.86 -31.99
C GLU B 62 -23.11 3.88 -32.85
N ASP B 63 -21.95 3.84 -32.19
CA ASP B 63 -20.65 3.85 -32.89
C ASP B 63 -19.58 2.93 -32.28
N PRO B 64 -19.84 1.59 -32.30
CA PRO B 64 -18.98 0.59 -31.62
C PRO B 64 -17.62 0.35 -32.28
N GLU B 65 -17.41 0.85 -33.48
CA GLU B 65 -16.20 0.59 -34.25
C GLU B 65 -15.02 1.37 -33.68
N VAL B 66 -13.98 0.64 -33.27
CA VAL B 66 -12.75 1.21 -32.76
C VAL B 66 -11.55 0.75 -33.62
N LYS B 67 -10.81 1.71 -34.18
CA LYS B 67 -9.56 1.43 -34.88
C LYS B 67 -8.37 1.53 -33.91
N PHE B 68 -7.57 0.46 -33.87
CA PHE B 68 -6.29 0.44 -33.15
C PHE B 68 -5.11 0.60 -34.11
N ASN B 69 -4.12 1.40 -33.71
CA ASN B 69 -2.81 1.45 -34.38
C ASN B 69 -1.72 1.28 -33.34
N TRP B 70 -0.90 0.25 -33.48
CA TRP B 70 0.18 0.07 -32.52
C TRP B 70 1.48 0.55 -33.08
N TYR B 71 2.33 1.08 -32.19
CA TYR B 71 3.70 1.43 -32.54
C TYR B 71 4.66 0.91 -31.49
N VAL B 72 5.80 0.41 -31.94
CA VAL B 72 6.89 0.00 -31.05
C VAL B 72 8.08 0.92 -31.37
N ASP B 73 8.38 1.82 -30.43
CA ASP B 73 9.37 2.88 -30.63
C ASP B 73 9.06 3.61 -31.92
N GLY B 74 7.81 4.08 -32.04
CA GLY B 74 7.39 4.91 -33.16
C GLY B 74 7.15 4.14 -34.46
N VAL B 75 7.53 2.86 -34.48
CA VAL B 75 7.36 2.04 -35.67
C VAL B 75 6.11 1.18 -35.57
N GLU B 76 5.13 1.46 -36.44
CA GLU B 76 3.86 0.75 -36.48
C GLU B 76 4.04 -0.74 -36.73
N VAL B 77 3.30 -1.54 -35.98
CA VAL B 77 3.34 -3.00 -36.11
C VAL B 77 1.91 -3.49 -36.34
N HIS B 78 1.75 -4.67 -36.94
CA HIS B 78 0.42 -5.11 -37.37
C HIS B 78 -0.08 -6.41 -36.81
N ASN B 79 0.58 -6.91 -35.76
CA ASN B 79 0.26 -8.21 -35.16
C ASN B 79 -0.67 -8.20 -33.91
N ALA B 80 -1.30 -7.06 -33.62
CA ALA B 80 -2.25 -7.00 -32.51
C ALA B 80 -3.49 -7.87 -32.78
N LYS B 81 -4.09 -8.40 -31.72
CA LYS B 81 -5.29 -9.21 -31.86
C LYS B 81 -6.37 -8.65 -30.97
N THR B 82 -7.55 -8.48 -31.55
CA THR B 82 -8.69 -7.98 -30.81
C THR B 82 -9.44 -9.10 -30.13
N LYS B 83 -9.78 -8.84 -28.87
CA LYS B 83 -10.54 -9.70 -28.00
C LYS B 83 -12.01 -9.61 -28.39
N PRO B 84 -12.84 -10.59 -27.99
CA PRO B 84 -14.27 -10.45 -28.22
C PRO B 84 -14.85 -9.18 -27.59
N ARG B 85 -15.63 -8.43 -28.37
CA ARG B 85 -16.38 -7.29 -27.86
C ARG B 85 -17.32 -7.70 -26.74
N GLU B 86 -17.39 -6.89 -25.69
CA GLU B 86 -18.06 -7.32 -24.46
C GLU B 86 -19.03 -6.26 -23.97
N GLU B 87 -20.28 -6.70 -23.77
CA GLU B 87 -21.36 -5.85 -23.31
C GLU B 87 -21.26 -5.58 -21.81
N GLN B 88 -21.26 -4.30 -21.44
CA GLN B 88 -21.11 -3.95 -20.02
C GLN B 88 -22.45 -3.73 -19.30
N TYR B 89 -23.54 -3.57 -20.08
CA TYR B 89 -24.92 -3.38 -19.56
C TYR B 89 -25.15 -2.05 -18.84
N ASN B 90 -24.24 -1.09 -19.04
CA ASN B 90 -24.42 0.29 -18.57
C ASN B 90 -24.47 1.28 -19.73
N SER B 91 -24.94 0.78 -20.89
CA SER B 91 -25.10 1.50 -22.16
C SER B 91 -23.84 1.48 -23.07
N THR B 92 -22.79 0.80 -22.63
CA THR B 92 -21.49 0.85 -23.33
C THR B 92 -20.80 -0.51 -23.56
N TYR B 93 -19.98 -0.56 -24.62
CA TYR B 93 -19.10 -1.69 -24.86
C TYR B 93 -17.72 -1.47 -24.26
N ARG B 94 -17.04 -2.59 -23.99
CA ARG B 94 -15.64 -2.62 -23.63
C ARG B 94 -14.93 -3.40 -24.74
N VAL B 95 -13.96 -2.74 -25.37
CA VAL B 95 -13.22 -3.23 -26.54
C VAL B 95 -11.73 -3.32 -26.18
N VAL B 96 -11.15 -4.50 -26.36
CA VAL B 96 -9.76 -4.73 -25.96
C VAL B 96 -8.88 -5.19 -27.13
N SER B 97 -7.70 -4.59 -27.26
CA SER B 97 -6.67 -5.03 -28.20
C SER B 97 -5.45 -5.49 -27.42
N VAL B 98 -4.91 -6.65 -27.80
CA VAL B 98 -3.79 -7.26 -27.10
C VAL B 98 -2.63 -7.42 -28.07
N LEU B 99 -1.48 -6.88 -27.70
CA LEU B 99 -0.27 -6.99 -28.53
C LEU B 99 0.76 -7.82 -27.79
N THR B 100 1.11 -8.96 -28.37
CA THR B 100 2.18 -9.82 -27.84
C THR B 100 3.52 -9.12 -28.05
N VAL B 101 4.40 -9.28 -27.06
CA VAL B 101 5.72 -8.66 -27.11
C VAL B 101 6.78 -9.72 -26.83
N LEU B 102 8.02 -9.43 -27.20
CA LEU B 102 9.12 -10.33 -26.92
C LEU B 102 9.75 -9.96 -25.59
N HIS B 103 10.16 -10.96 -24.82
CA HIS B 103 10.82 -10.78 -23.52
C HIS B 103 11.86 -9.70 -23.54
N GLN B 104 12.86 -9.88 -24.40
CA GLN B 104 14.01 -8.97 -24.48
C GLN B 104 13.60 -7.55 -24.89
N ASP B 105 12.68 -7.43 -25.87
CA ASP B 105 12.13 -6.13 -26.30
C ASP B 105 11.59 -5.32 -25.13
N TRP B 106 10.75 -5.95 -24.31
CA TRP B 106 10.18 -5.28 -23.13
C TRP B 106 11.24 -4.98 -22.09
N LEU B 107 12.09 -5.96 -21.80
CA LEU B 107 13.14 -5.76 -20.82
C LEU B 107 14.16 -4.69 -21.26
N ASN B 108 14.47 -4.65 -22.55
CA ASN B 108 15.37 -3.63 -23.09
C ASN B 108 14.70 -2.28 -23.26
N GLY B 109 13.54 -2.12 -22.62
CA GLY B 109 12.92 -0.82 -22.46
C GLY B 109 12.19 -0.25 -23.66
N LYS B 110 11.84 -1.07 -24.63
CA LYS B 110 11.11 -0.56 -25.80
C LYS B 110 9.78 0.07 -25.40
N GLU B 111 9.36 1.10 -26.13
CA GLU B 111 8.12 1.78 -25.79
C GLU B 111 6.97 1.37 -26.68
N TYR B 112 5.81 1.17 -26.06
CA TYR B 112 4.63 0.68 -26.75
C TYR B 112 3.51 1.70 -26.73
N LYS B 113 3.01 2.02 -27.91
CA LYS B 113 1.98 3.03 -28.07
C LYS B 113 0.74 2.42 -28.74
N CYS B 114 -0.42 2.66 -28.12
CA CYS B 114 -1.72 2.29 -28.64
C CYS B 114 -2.48 3.55 -29.06
N LYS B 115 -2.83 3.67 -30.34
CA LYS B 115 -3.66 4.78 -30.82
C LYS B 115 -5.08 4.31 -31.14
N VAL B 116 -6.04 4.90 -30.44
CA VAL B 116 -7.45 4.52 -30.50
C VAL B 116 -8.25 5.58 -31.26
N SER B 117 -8.97 5.17 -32.30
CA SER B 117 -9.84 6.06 -33.07
C SER B 117 -11.28 5.59 -33.03
N ASN B 118 -12.21 6.54 -33.00
CA ASN B 118 -13.63 6.26 -32.88
C ASN B 118 -14.42 7.50 -33.30
N LYS B 119 -15.63 7.32 -33.80
CA LYS B 119 -16.43 8.45 -34.26
C LYS B 119 -16.78 9.47 -33.17
N ALA B 120 -16.89 9.01 -31.93
CA ALA B 120 -17.22 9.87 -30.78
C ALA B 120 -16.01 10.60 -30.16
N LEU B 121 -14.84 10.41 -30.76
CA LEU B 121 -13.64 11.15 -30.35
C LEU B 121 -13.43 12.36 -31.26
N PRO B 122 -13.23 13.56 -30.69
CA PRO B 122 -12.85 14.69 -31.54
C PRO B 122 -11.51 14.40 -32.23
N ALA B 123 -10.64 13.71 -31.52
CA ALA B 123 -9.32 13.35 -32.02
C ALA B 123 -8.88 12.02 -31.41
N PRO B 124 -8.14 11.20 -32.17
CA PRO B 124 -7.64 9.93 -31.66
C PRO B 124 -6.93 10.08 -30.31
N ILE B 125 -7.03 9.07 -29.44
CA ILE B 125 -6.35 9.05 -28.14
C ILE B 125 -5.10 8.17 -28.20
N GLU B 126 -3.99 8.70 -27.68
CA GLU B 126 -2.72 7.99 -27.67
C GLU B 126 -2.27 7.69 -26.25
N LYS B 127 -1.84 6.46 -26.01
CA LYS B 127 -1.25 6.08 -24.73
C LYS B 127 0.03 5.35 -24.99
N THR B 128 0.97 5.47 -24.07
CA THR B 128 2.29 4.88 -24.23
C THR B 128 2.65 4.25 -22.91
N ILE B 129 3.26 3.06 -22.96
CA ILE B 129 3.84 2.44 -21.77
C ILE B 129 5.09 1.65 -22.12
N SER B 130 5.91 1.46 -21.10
CA SER B 130 7.15 0.72 -21.21
C SER B 130 7.60 0.41 -19.80
N LYS B 131 8.65 -0.40 -19.68
CA LYS B 131 9.30 -0.66 -18.42
C LYS B 131 9.66 0.66 -17.72
N ALA B 132 9.76 0.63 -16.40
CA ALA B 132 10.31 1.75 -15.64
C ALA B 132 11.74 1.97 -16.08
N LYS B 133 12.18 3.22 -16.12
CA LYS B 133 13.54 3.52 -16.58
C LYS B 133 14.54 3.57 -15.44
N GLY B 134 15.79 3.32 -15.75
CA GLY B 134 16.85 3.42 -14.76
C GLY B 134 17.53 2.09 -14.54
N GLN B 135 18.80 2.15 -14.16
CA GLN B 135 19.64 0.97 -14.07
C GLN B 135 19.02 -0.12 -13.19
N PRO B 136 18.80 -1.32 -13.75
CA PRO B 136 18.27 -2.41 -12.96
C PRO B 136 19.26 -2.81 -11.87
N ARG B 137 18.75 -3.05 -10.66
CA ARG B 137 19.54 -3.50 -9.53
C ARG B 137 19.02 -4.85 -9.03
N GLU B 138 19.98 -5.69 -8.60
CA GLU B 138 19.74 -7.06 -8.19
C GLU B 138 19.21 -7.12 -6.76
N PRO B 139 18.04 -7.78 -6.57
CA PRO B 139 17.40 -7.93 -5.26
C PRO B 139 18.20 -8.83 -4.31
N GLN B 140 18.23 -8.43 -3.04
CA GLN B 140 18.85 -9.23 -1.99
C GLN B 140 17.73 -9.97 -1.27
N VAL B 141 17.87 -11.29 -1.19
CA VAL B 141 16.82 -12.14 -0.64
C VAL B 141 17.28 -12.80 0.65
N TYR B 142 16.64 -12.41 1.76
CA TYR B 142 17.00 -12.88 3.08
C TYR B 142 15.79 -13.49 3.75
N THR B 143 15.98 -14.66 4.36
CA THR B 143 14.89 -15.39 5.02
C THR B 143 15.06 -15.30 6.51
N LEU B 144 13.95 -14.99 7.20
CA LEU B 144 13.94 -14.74 8.63
C LEU B 144 13.08 -15.74 9.38
N PRO B 145 13.67 -16.44 10.36
CA PRO B 145 12.94 -17.44 11.14
C PRO B 145 11.87 -16.80 12.04
N PRO B 146 10.90 -17.58 12.54
CA PRO B 146 9.95 -17.07 13.53
C PRO B 146 10.62 -16.62 14.80
N SER B 147 10.08 -15.56 15.40
CA SER B 147 10.54 -15.05 16.68
C SER B 147 10.28 -16.07 17.81
N ARG B 148 11.16 -16.09 18.81
CA ARG B 148 10.96 -16.96 19.99
C ARG B 148 9.58 -16.73 20.62
N GLU B 149 9.12 -15.48 20.60
CA GLU B 149 7.82 -15.12 21.14
C GLU B 149 6.65 -15.66 20.33
N GLU B 150 6.85 -15.90 19.04
CA GLU B 150 5.77 -16.44 18.22
C GLU B 150 5.57 -17.94 18.50
N MET B 151 6.62 -18.57 19.03
CA MET B 151 6.67 -20.03 19.19
C MET B 151 5.68 -20.63 20.18
N THR B 152 4.83 -19.79 20.76
CA THR B 152 3.76 -20.25 21.63
C THR B 152 2.44 -20.37 20.87
N LYS B 153 2.38 -19.76 19.68
CA LYS B 153 1.16 -19.76 18.87
C LYS B 153 0.93 -21.08 18.10
N ASN B 154 -0.25 -21.23 17.51
CA ASN B 154 -0.58 -22.39 16.72
C ASN B 154 0.22 -22.44 15.42
N GLN B 155 0.43 -21.27 14.85
CA GLN B 155 1.10 -21.15 13.57
C GLN B 155 2.22 -20.11 13.67
N VAL B 156 3.28 -20.30 12.88
CA VAL B 156 4.40 -19.36 12.88
C VAL B 156 4.56 -18.65 11.53
N SER B 157 5.25 -17.52 11.53
CA SER B 157 5.45 -16.73 10.31
C SER B 157 6.88 -16.88 9.83
N LEU B 158 7.02 -17.25 8.57
CA LEU B 158 8.33 -17.34 7.97
C LEU B 158 8.42 -16.17 7.02
N VAL B 159 9.46 -15.37 7.16
CA VAL B 159 9.52 -14.11 6.44
C VAL B 159 10.62 -14.13 5.38
N CYS B 160 10.31 -13.53 4.24
CA CYS B 160 11.27 -13.36 3.16
C CYS B 160 11.35 -11.89 2.84
N LEU B 161 12.49 -11.29 3.20
CA LEU B 161 12.79 -9.88 2.95
C LEU B 161 13.50 -9.75 1.61
N VAL B 162 12.87 -9.02 0.69
CA VAL B 162 13.46 -8.81 -0.61
C VAL B 162 13.75 -7.35 -0.76
N LYS B 163 15.04 -6.99 -0.73
CA LYS B 163 15.45 -5.59 -0.77
C LYS B 163 16.49 -5.29 -1.86
N GLY B 164 16.67 -4.00 -2.16
CA GLY B 164 17.73 -3.55 -3.04
C GLY B 164 17.49 -3.72 -4.53
N PHE B 165 16.21 -3.86 -4.91
CA PHE B 165 15.89 -4.15 -6.31
C PHE B 165 15.28 -3.00 -7.12
N TYR B 166 15.65 -2.95 -8.39
CA TYR B 166 15.09 -2.01 -9.35
C TYR B 166 15.07 -2.67 -10.72
N PRO B 167 13.98 -2.48 -11.53
CA PRO B 167 12.72 -1.84 -11.20
C PRO B 167 11.90 -2.72 -10.27
N SER B 168 10.66 -2.30 -9.98
CA SER B 168 9.85 -2.97 -8.95
C SER B 168 9.06 -4.17 -9.49
N ASP B 169 9.30 -4.51 -10.76
CA ASP B 169 8.66 -5.66 -11.39
C ASP B 169 9.25 -6.96 -10.85
N ILE B 170 8.43 -7.70 -10.10
CA ILE B 170 8.89 -8.87 -9.35
C ILE B 170 7.76 -9.87 -9.11
N ALA B 171 8.14 -11.11 -8.82
CA ALA B 171 7.22 -12.16 -8.39
C ALA B 171 7.86 -12.96 -7.26
N VAL B 172 7.04 -13.35 -6.28
CA VAL B 172 7.53 -14.10 -5.12
C VAL B 172 6.62 -15.30 -4.81
N GLU B 173 7.24 -16.45 -4.59
CA GLU B 173 6.54 -17.69 -4.33
C GLU B 173 7.25 -18.50 -3.24
N TRP B 174 6.52 -19.46 -2.68
CA TRP B 174 7.03 -20.32 -1.62
C TRP B 174 6.82 -21.77 -1.94
N GLU B 175 7.71 -22.61 -1.43
CA GLU B 175 7.59 -24.05 -1.61
C GLU B 175 8.28 -24.84 -0.50
N SER B 176 8.04 -26.14 -0.54
CA SER B 176 8.58 -27.08 0.43
C SER B 176 8.58 -28.45 -0.24
N ASN B 177 9.71 -29.13 -0.22
CA ASN B 177 9.86 -30.46 -0.82
C ASN B 177 9.16 -30.57 -2.19
N GLY B 178 9.55 -29.69 -3.12
CA GLY B 178 8.98 -29.64 -4.48
C GLY B 178 7.53 -29.21 -4.62
N GLN B 179 6.84 -28.99 -3.50
CA GLN B 179 5.42 -28.63 -3.55
C GLN B 179 5.17 -27.17 -3.18
N PRO B 180 4.31 -26.48 -3.96
CA PRO B 180 3.96 -25.07 -3.68
C PRO B 180 3.22 -24.89 -2.35
N GLU B 181 3.65 -23.91 -1.57
CA GLU B 181 3.00 -23.56 -0.31
C GLU B 181 2.24 -22.29 -0.61
N ASN B 182 0.92 -22.36 -0.51
CA ASN B 182 0.07 -21.25 -0.95
C ASN B 182 -0.34 -20.30 0.17
N ASN B 183 -0.15 -20.69 1.43
CA ASN B 183 -0.64 -19.88 2.53
C ASN B 183 0.22 -18.64 2.89
N TYR B 184 0.56 -17.84 1.87
CA TYR B 184 1.35 -16.64 2.07
C TYR B 184 0.67 -15.34 1.61
N LYS B 185 1.20 -14.21 2.08
CA LYS B 185 0.86 -12.88 1.57
C LYS B 185 2.15 -12.10 1.38
N THR B 186 2.18 -11.25 0.35
CA THR B 186 3.35 -10.45 0.02
C THR B 186 2.94 -8.99 -0.05
N THR B 187 3.74 -8.10 0.52
CA THR B 187 3.39 -6.70 0.53
C THR B 187 3.65 -6.18 -0.86
N PRO B 188 2.99 -5.08 -1.24
CA PRO B 188 3.39 -4.44 -2.50
C PRO B 188 4.78 -3.83 -2.34
N PRO B 189 5.51 -3.62 -3.46
CA PRO B 189 6.85 -3.02 -3.35
C PRO B 189 6.77 -1.61 -2.76
N VAL B 190 7.71 -1.30 -1.87
CA VAL B 190 7.82 0.00 -1.22
C VAL B 190 9.12 0.66 -1.68
N LEU B 191 9.05 1.94 -2.05
CA LEU B 191 10.22 2.70 -2.49
C LEU B 191 11.12 2.98 -1.28
N ASP B 192 12.41 2.70 -1.41
CA ASP B 192 13.34 2.84 -0.30
C ASP B 192 14.18 4.13 -0.43
N SER B 193 14.84 4.54 0.63
CA SER B 193 15.62 5.78 0.63
C SER B 193 16.79 5.84 -0.38
N ASP B 194 17.26 4.69 -0.86
CA ASP B 194 18.30 4.67 -1.90
C ASP B 194 17.74 4.52 -3.33
N GLY B 195 16.44 4.69 -3.49
CA GLY B 195 15.83 4.68 -4.82
C GLY B 195 15.54 3.28 -5.33
N SER B 196 15.96 2.27 -4.57
CA SER B 196 15.59 0.90 -4.88
C SER B 196 14.28 0.57 -4.16
N PHE B 197 13.72 -0.60 -4.41
CA PHE B 197 12.50 -1.06 -3.76
C PHE B 197 12.74 -2.23 -2.82
N PHE B 198 11.76 -2.46 -1.94
CA PHE B 198 11.75 -3.64 -1.09
C PHE B 198 10.33 -4.14 -0.84
N LEU B 199 10.22 -5.40 -0.44
CA LEU B 199 8.95 -5.94 0.05
C LEU B 199 9.23 -7.03 1.08
N TYR B 200 8.17 -7.47 1.73
CA TYR B 200 8.21 -8.65 2.58
C TYR B 200 7.14 -9.63 2.12
N SER B 201 7.47 -10.92 2.16
CA SER B 201 6.49 -11.96 1.94
C SER B 201 6.46 -12.81 3.18
N VAL B 202 5.26 -13.15 3.64
CA VAL B 202 5.08 -13.89 4.88
C VAL B 202 4.30 -15.17 4.62
N LEU B 203 4.95 -16.29 4.89
CA LEU B 203 4.32 -17.61 4.84
C LEU B 203 3.94 -18.00 6.26
N THR B 204 2.69 -18.40 6.45
CA THR B 204 2.23 -18.87 7.74
C THR B 204 2.05 -20.38 7.71
N VAL B 205 2.76 -21.07 8.59
CA VAL B 205 2.69 -22.54 8.72
C VAL B 205 2.34 -22.97 10.15
N ASP B 206 1.73 -24.15 10.27
CA ASP B 206 1.50 -24.79 11.57
C ASP B 206 2.83 -24.94 12.28
N LYS B 207 2.85 -24.61 13.58
CA LYS B 207 4.10 -24.65 14.34
C LYS B 207 4.80 -25.99 14.24
N SER B 208 4.03 -27.06 14.42
CA SER B 208 4.52 -28.42 14.31
C SER B 208 5.35 -28.66 13.05
N ARG B 209 4.82 -28.29 11.87
CA ARG B 209 5.58 -28.44 10.61
C ARG B 209 6.97 -27.78 10.68
N TRP B 210 7.03 -26.61 11.30
CA TRP B 210 8.29 -25.89 11.44
C TRP B 210 9.20 -26.57 12.44
N GLN B 211 8.62 -27.01 13.56
CA GLN B 211 9.35 -27.62 14.68
C GLN B 211 10.07 -28.90 14.24
N GLN B 212 9.43 -29.67 13.37
CA GLN B 212 9.95 -30.96 12.93
C GLN B 212 11.00 -30.91 11.82
N GLY B 213 11.47 -29.72 11.47
CA GLY B 213 12.67 -29.60 10.66
C GLY B 213 12.53 -29.49 9.15
N ASN B 214 11.29 -29.29 8.68
CA ASN B 214 11.00 -29.11 7.25
C ASN B 214 11.63 -27.89 6.62
N VAL B 215 12.08 -28.02 5.37
CA VAL B 215 12.65 -26.88 4.65
C VAL B 215 11.61 -26.12 3.81
N PHE B 216 11.58 -24.81 3.99
CA PHE B 216 10.70 -23.92 3.25
C PHE B 216 11.53 -22.94 2.45
N SER B 217 11.11 -22.71 1.22
CA SER B 217 11.87 -21.94 0.26
C SER B 217 11.12 -20.77 -0.34
N CYS B 218 11.85 -19.69 -0.54
CA CYS B 218 11.32 -18.44 -1.05
C CYS B 218 11.88 -18.25 -2.45
N SER B 219 11.00 -18.18 -3.43
CA SER B 219 11.40 -18.08 -4.84
C SER B 219 11.10 -16.69 -5.37
N VAL B 220 12.13 -16.07 -5.96
CA VAL B 220 12.07 -14.68 -6.39
C VAL B 220 12.49 -14.62 -7.86
N MET B 221 11.67 -13.95 -8.67
CA MET B 221 12.00 -13.73 -10.07
C MET B 221 12.14 -12.24 -10.32
N HIS B 222 13.22 -11.87 -11.00
CA HIS B 222 13.52 -10.48 -11.29
C HIS B 222 14.51 -10.41 -12.42
N GLU B 223 14.36 -9.42 -13.31
CA GLU B 223 15.25 -9.29 -14.47
C GLU B 223 16.74 -9.23 -14.13
N ALA B 224 17.06 -8.79 -12.91
CA ALA B 224 18.44 -8.52 -12.52
C ALA B 224 19.10 -9.66 -11.71
N LEU B 225 18.33 -10.71 -11.46
CA LEU B 225 18.88 -11.91 -10.88
C LEU B 225 19.56 -12.74 -11.96
N HIS B 226 20.51 -13.57 -11.55
CA HIS B 226 21.13 -14.54 -12.45
C HIS B 226 20.06 -15.49 -12.91
N ASN B 227 19.91 -15.64 -14.23
CA ASN B 227 18.86 -16.48 -14.82
C ASN B 227 17.45 -16.01 -14.49
N ALA B 228 17.33 -14.74 -14.09
CA ALA B 228 16.08 -14.10 -13.71
C ALA B 228 15.36 -14.80 -12.54
N TYR B 229 16.12 -15.56 -11.73
CA TYR B 229 15.53 -16.39 -10.69
C TYR B 229 16.53 -16.66 -9.56
N THR B 230 16.04 -16.71 -8.32
CA THR B 230 16.81 -17.24 -7.19
C THR B 230 15.88 -17.89 -6.15
N GLN B 231 16.46 -18.70 -5.26
CA GLN B 231 15.70 -19.40 -4.23
C GLN B 231 16.48 -19.46 -2.92
N LYS B 232 15.82 -19.07 -1.83
CA LYS B 232 16.45 -19.08 -0.50
C LYS B 232 15.63 -19.93 0.42
N SER B 233 16.32 -20.70 1.26
CA SER B 233 15.67 -21.71 2.09
C SER B 233 15.89 -21.47 3.58
N LEU B 234 15.01 -22.07 4.38
CA LEU B 234 14.88 -21.76 5.80
C LEU B 234 14.37 -23.01 6.52
N SER B 235 14.99 -23.35 7.65
CA SER B 235 14.53 -24.45 8.50
C SER B 235 15.02 -24.35 9.94
N LEU B 236 14.33 -25.01 10.87
CA LEU B 236 14.81 -25.11 12.24
C LEU B 236 16.03 -26.04 12.34
N ASP C 1 -1.48 1.92 35.58
CA ASP C 1 -0.21 2.02 34.81
C ASP C 1 -0.39 2.84 33.53
N CYS C 2 0.70 3.44 33.08
CA CYS C 2 0.69 4.40 31.97
C CYS C 2 1.72 4.05 30.91
N ALA C 3 1.37 4.31 29.66
CA ALA C 3 2.33 4.17 28.57
C ALA C 3 2.78 5.55 28.12
N TRP C 4 4.08 5.67 27.84
CA TRP C 4 4.68 6.90 27.34
C TRP C 4 5.39 6.62 26.04
N HIS C 5 5.49 7.64 25.20
CA HIS C 5 6.18 7.52 23.91
C HIS C 5 6.99 8.75 23.61
N LEU C 6 8.32 8.58 23.64
CA LEU C 6 9.29 9.67 23.51
C LEU C 6 8.96 10.85 24.45
N GLY C 7 8.69 10.53 25.72
CA GLY C 7 8.34 11.52 26.73
C GLY C 7 6.87 11.85 26.84
N GLU C 8 6.17 11.86 25.70
CA GLU C 8 4.77 12.25 25.62
C GLU C 8 3.84 11.13 26.12
N LEU C 9 2.76 11.49 26.83
CA LEU C 9 1.82 10.51 27.40
C LEU C 9 0.94 9.83 26.34
N VAL C 10 0.88 8.50 26.39
CA VAL C 10 0.06 7.74 25.44
C VAL C 10 -1.34 7.49 25.99
N TRP C 11 -1.43 6.72 27.08
CA TRP C 11 -2.70 6.29 27.65
C TRP C 11 -2.49 5.68 29.00
N CYS C 12 -3.51 5.76 29.84
CA CYS C 12 -3.50 5.09 31.16
C CYS C 12 -4.86 4.45 31.37
N THR C 13 -4.86 3.28 31.99
CA THR C 13 -6.11 2.58 32.25
C THR C 13 -6.56 2.79 33.70
C1 NAG D . -8.88 23.74 -8.35
C2 NAG D . -9.67 22.50 -8.78
C3 NAG D . -9.95 21.57 -7.60
C4 NAG D . -8.73 21.34 -6.70
C5 NAG D . -8.11 22.71 -6.36
C6 NAG D . -6.86 22.59 -5.48
C7 NAG D . -11.19 22.93 -10.72
C8 NAG D . -12.58 23.36 -11.12
N2 NAG D . -10.92 22.89 -9.40
O3 NAG D . -10.43 20.34 -8.10
O4 NAG D . -9.07 20.68 -5.49
O5 NAG D . -7.77 23.39 -7.55
O6 NAG D . -5.84 22.05 -6.28
O7 NAG D . -10.38 22.65 -11.60
C1 NAG D . -8.77 19.27 -5.53
C2 NAG D . -8.41 18.78 -4.12
C3 NAG D . -8.20 17.26 -4.11
C4 NAG D . -9.44 16.54 -4.66
C5 NAG D . -9.75 17.11 -6.03
C6 NAG D . -11.03 16.51 -6.57
C7 NAG D . -7.31 20.24 -2.50
C8 NAG D . -6.02 20.86 -2.04
N2 NAG D . -7.25 19.44 -3.58
O3 NAG D . -7.89 16.85 -2.79
O4 NAG D . -9.18 15.16 -4.85
O5 NAG D . -9.87 18.53 -6.01
O6 NAG D . -11.81 17.58 -7.03
O7 NAG D . -8.35 20.48 -1.89
C1 BMA D . -9.55 14.34 -3.72
C2 BMA D . -10.16 13.04 -4.26
C3 BMA D . -10.24 11.93 -3.20
C4 BMA D . -8.94 11.80 -2.41
C5 BMA D . -8.60 13.18 -1.84
C6 BMA D . -7.35 13.22 -0.97
O2 BMA D . -9.37 12.61 -5.34
O3 BMA D . -10.52 10.70 -3.84
O4 BMA D . -9.12 10.86 -1.38
O5 BMA D . -8.41 14.07 -2.93
O6 BMA D . -7.10 14.58 -0.70
C1 MAN D . -5.98 14.76 0.17
C2 MAN D . -6.07 16.15 0.82
C3 MAN D . -5.68 17.23 -0.19
C4 MAN D . -4.32 16.93 -0.81
C5 MAN D . -4.38 15.54 -1.47
C6 MAN D . -3.06 15.14 -2.11
O2 MAN D . -5.18 16.27 1.92
O3 MAN D . -5.68 18.48 0.44
O4 MAN D . -3.92 17.93 -1.73
O5 MAN D . -4.73 14.58 -0.49
O6 MAN D . -2.95 13.73 -2.10
C1 NAG D . -5.77 15.78 3.13
C2 NAG D . -4.63 15.25 4.02
C3 NAG D . -5.12 14.84 5.41
C4 NAG D . -5.96 15.93 6.08
C5 NAG D . -7.04 16.40 5.08
C6 NAG D . -7.85 17.57 5.60
C7 NAG D . -2.91 14.29 2.60
C8 NAG D . -2.31 13.04 2.04
N2 NAG D . -3.96 14.13 3.40
O3 NAG D . -4.00 14.49 6.19
O4 NAG D . -6.56 15.37 7.24
O5 NAG D . -6.50 16.78 3.82
O6 NAG D . -7.08 18.74 5.52
O7 NAG D . -2.45 15.40 2.33
C1 GAL D . -6.39 16.13 8.47
C2 GAL D . -7.09 15.40 9.65
C3 GAL D . -6.79 16.02 11.04
C4 GAL D . -5.34 16.52 11.18
C5 GAL D . -4.90 17.28 9.91
C6 GAL D . -3.46 17.77 10.03
O2 GAL D . -8.50 15.38 9.49
O3 GAL D . -7.06 15.10 12.08
O4 GAL D . -4.49 15.43 11.42
O5 GAL D . -5.05 16.44 8.78
O6 GAL D . -3.19 18.68 8.99
C1 MAN D . -11.82 10.18 -3.47
C2 MAN D . -11.78 8.65 -3.53
C3 MAN D . -11.59 8.17 -4.97
C4 MAN D . -12.46 8.91 -6.00
C5 MAN D . -12.58 10.41 -5.68
C6 MAN D . -13.64 11.12 -6.53
O2 MAN D . -12.97 8.11 -2.96
O3 MAN D . -11.84 6.78 -5.05
O4 MAN D . -11.83 8.79 -7.25
O5 MAN D . -12.87 10.63 -4.31
O6 MAN D . -13.28 12.49 -6.58
C1 FUC D . -4.54 22.16 -5.66
C2 FUC D . -3.84 20.81 -5.85
C3 FUC D . -3.88 20.49 -7.36
C4 FUC D . -3.18 21.60 -8.13
C5 FUC D . -3.70 22.99 -7.72
C6 FUC D . -2.90 24.14 -8.32
O2 FUC D . -4.45 19.83 -5.06
O3 FUC D . -3.33 19.23 -7.65
O4 FUC D . -1.79 21.50 -7.91
O5 FUC D . -3.74 23.13 -6.29
C1 NAG E . -19.56 0.66 -17.51
C2 NAG E . -18.91 1.99 -17.15
C3 NAG E . -17.39 1.96 -17.31
C4 NAG E . -16.79 0.72 -16.62
C5 NAG E . -17.57 -0.51 -17.13
C6 NAG E . -17.06 -1.85 -16.63
C7 NAG E . -20.33 3.96 -17.39
C8 NAG E . -20.86 5.06 -18.27
N2 NAG E . -19.48 3.08 -17.92
O3 NAG E . -16.83 3.13 -16.79
O4 NAG E . -15.41 0.60 -16.96
O5 NAG E . -18.94 -0.39 -16.79
O6 NAG E . -17.06 -1.82 -15.22
O7 NAG E . -20.70 3.91 -16.22
C1 NAG E . -14.52 1.07 -15.94
C2 NAG E . -13.26 0.21 -15.95
C3 NAG E . -12.21 0.73 -14.96
C4 NAG E . -11.87 2.21 -15.21
C5 NAG E . -13.19 2.98 -15.23
C6 NAG E . -12.95 4.45 -15.53
C7 NAG E . -13.42 -2.15 -16.64
C8 NAG E . -13.72 -3.57 -16.22
N2 NAG E . -13.52 -1.20 -15.70
O3 NAG E . -11.09 -0.10 -15.09
O4 NAG E . -11.05 2.77 -14.21
O5 NAG E . -14.12 2.43 -16.16
O6 NAG E . -13.86 4.92 -16.49
O7 NAG E . -13.11 -1.93 -17.81
C1 BMA E . -9.62 2.67 -14.42
C2 BMA E . -8.90 3.85 -13.76
C3 BMA E . -7.38 3.70 -13.77
C4 BMA E . -6.98 2.34 -13.23
C5 BMA E . -7.74 1.23 -13.96
C6 BMA E . -7.44 -0.15 -13.40
O2 BMA E . -9.29 3.95 -12.41
O3 BMA E . -6.82 4.71 -12.96
O4 BMA E . -5.60 2.16 -13.42
O5 BMA E . -9.13 1.46 -13.89
O6 BMA E . -8.29 -1.07 -14.03
C1 MAN E . -7.89 -2.42 -13.75
C2 MAN E . -8.38 -3.37 -14.86
C3 MAN E . -9.89 -3.46 -14.83
C4 MAN E . -10.37 -3.86 -13.44
C5 MAN E . -9.78 -2.94 -12.37
C6 MAN E . -10.09 -3.40 -10.95
O2 MAN E . -7.91 -4.69 -14.64
O3 MAN E . -10.32 -4.42 -15.77
O4 MAN E . -11.78 -3.89 -13.41
O5 MAN E . -8.36 -2.85 -12.50
O6 MAN E . -9.29 -2.66 -10.05
C1 NAG E . -6.68 -4.97 -15.33
C2 NAG E . -5.88 -6.01 -14.54
C3 NAG E . -4.60 -6.41 -15.27
C4 NAG E . -4.82 -6.66 -16.78
C5 NAG E . -5.70 -5.54 -17.38
C6 NAG E . -6.02 -5.76 -18.85
C7 NAG E . -6.20 -5.86 -12.12
C8 NAG E . -5.76 -5.19 -10.84
N2 NAG E . -5.56 -5.48 -13.23
O3 NAG E . -4.06 -7.55 -14.65
O4 NAG E . -3.57 -6.72 -17.44
O5 NAG E . -6.90 -5.45 -16.64
O6 NAG E . -6.82 -6.90 -19.01
O7 NAG E . -7.11 -6.69 -12.10
C1 GAL E . -3.41 -7.96 -18.18
C2 GAL E . -2.02 -8.01 -18.86
C3 GAL E . -1.88 -9.27 -19.70
C4 GAL E . -2.34 -10.54 -18.97
C5 GAL E . -3.64 -10.33 -18.17
C6 GAL E . -3.96 -11.51 -17.25
O2 GAL E . -1.77 -6.86 -19.66
O3 GAL E . -0.53 -9.38 -20.09
O4 GAL E . -1.31 -10.98 -18.11
O5 GAL E . -3.57 -9.14 -17.40
O6 GAL E . -5.36 -11.63 -17.07
C1 MAN E . -5.90 5.59 -13.67
C2 MAN E . -4.84 6.06 -12.66
C3 MAN E . -5.60 6.83 -11.57
C4 MAN E . -6.40 7.99 -12.16
C5 MAN E . -7.29 7.50 -13.32
C6 MAN E . -7.97 8.63 -14.07
O2 MAN E . -3.83 6.84 -13.27
O3 MAN E . -4.74 7.27 -10.55
O4 MAN E . -7.23 8.51 -11.14
O5 MAN E . -6.53 6.71 -14.24
O6 MAN E . -8.86 8.06 -15.00
C1 FUC E . -17.44 -3.11 -14.71
C2 FUC E . -17.05 -3.16 -13.23
C3 FUC E . -17.91 -2.15 -12.44
C4 FUC E . -19.40 -2.34 -12.72
C5 FUC E . -19.63 -2.35 -14.24
C6 FUC E . -21.08 -2.59 -14.61
O2 FUC E . -15.68 -2.84 -13.13
O3 FUC E . -17.65 -2.26 -11.05
O4 FUC E . -19.89 -3.53 -12.14
O5 FUC E . -18.82 -3.36 -14.84
#